data_2JYV
#
_entry.id   2JYV
#
_entity_poly.entity_id   1
_entity_poly.type   'polypeptide(L)'
_entity_poly.pdbx_seq_one_letter_code
;AMAIQCPDSQFECPDFSTCCVMVDGSWGCCPMPQASCCEDRVHCCPHGAFCDLVHTRCIKLAAALEHHHHHH
;
_entity_poly.pdbx_strand_id   A
#
# COMPACT_ATOMS: atom_id res chain seq x y z
N ALA A 3 -5.88 6.70 6.74
CA ALA A 3 -4.41 6.63 6.50
C ALA A 3 -3.74 5.76 7.56
N ILE A 4 -3.44 4.51 7.19
CA ILE A 4 -2.81 3.57 8.10
C ILE A 4 -1.43 3.15 7.58
N GLN A 5 -0.62 2.58 8.46
CA GLN A 5 0.73 2.14 8.09
C GLN A 5 0.72 0.70 7.60
N CYS A 6 1.90 0.17 7.31
CA CYS A 6 2.04 -1.19 6.83
C CYS A 6 3.50 -1.65 6.93
N PRO A 7 3.78 -2.71 7.71
CA PRO A 7 5.14 -3.23 7.89
C PRO A 7 5.79 -3.62 6.57
N ASP A 8 7.09 -3.86 6.62
CA ASP A 8 7.86 -4.24 5.42
C ASP A 8 7.76 -3.16 4.35
N SER A 9 7.52 -1.93 4.78
CA SER A 9 7.40 -0.81 3.86
C SER A 9 8.08 0.44 4.42
N GLN A 10 8.50 1.34 3.54
CA GLN A 10 9.17 2.57 3.96
C GLN A 10 8.27 3.78 3.78
N PHE A 11 7.04 3.55 3.32
CA PHE A 11 6.09 4.63 3.11
C PHE A 11 4.73 4.28 3.70
N GLU A 12 3.81 5.24 3.63
CA GLU A 12 2.46 5.04 4.16
C GLU A 12 1.42 5.11 3.05
N CYS A 13 0.16 4.84 3.40
CA CYS A 13 -0.93 4.89 2.44
C CYS A 13 -2.13 5.61 3.02
N PRO A 14 -2.79 6.47 2.23
CA PRO A 14 -3.96 7.23 2.67
C PRO A 14 -5.25 6.43 2.55
N ASP A 15 -6.37 7.07 2.87
CA ASP A 15 -7.67 6.43 2.81
C ASP A 15 -8.14 6.30 1.36
N PHE A 16 -7.28 6.69 0.43
CA PHE A 16 -7.61 6.61 -1.00
C PHE A 16 -7.18 5.28 -1.59
N SER A 17 -6.16 4.67 -0.99
CA SER A 17 -5.65 3.39 -1.48
C SER A 17 -5.07 2.57 -0.33
N THR A 18 -5.24 1.25 -0.41
CA THR A 18 -4.73 0.35 0.61
C THR A 18 -3.28 -0.02 0.34
N CYS A 19 -2.62 -0.57 1.34
CA CYS A 19 -1.21 -0.97 1.21
C CYS A 19 -1.09 -2.36 0.60
N CYS A 20 -0.60 -2.40 -0.65
CA CYS A 20 -0.43 -3.65 -1.36
C CYS A 20 0.98 -3.75 -1.94
N VAL A 21 1.22 -4.83 -2.68
CA VAL A 21 2.53 -5.04 -3.30
C VAL A 21 2.40 -5.28 -4.80
N MET A 22 3.53 -5.39 -5.48
CA MET A 22 3.54 -5.63 -6.93
C MET A 22 4.31 -6.91 -7.26
N VAL A 23 4.30 -7.27 -8.55
CA VAL A 23 4.99 -8.47 -9.01
C VAL A 23 6.50 -8.24 -9.07
N ASP A 24 6.90 -7.00 -9.32
CA ASP A 24 8.30 -6.64 -9.41
C ASP A 24 9.03 -6.96 -8.10
N GLY A 25 8.49 -6.48 -6.99
CA GLY A 25 9.10 -6.73 -5.70
C GLY A 25 9.13 -5.48 -4.83
N SER A 26 8.24 -4.54 -5.11
CA SER A 26 8.17 -3.30 -4.35
C SER A 26 6.77 -3.08 -3.80
N TRP A 27 6.68 -2.29 -2.73
CA TRP A 27 5.40 -1.98 -2.11
C TRP A 27 4.75 -0.77 -2.75
N GLY A 28 3.45 -0.61 -2.53
CA GLY A 28 2.73 0.51 -3.10
C GLY A 28 1.26 0.52 -2.72
N CYS A 29 0.66 1.70 -2.69
CA CYS A 29 -0.74 1.83 -2.34
C CYS A 29 -1.63 1.62 -3.55
N CYS A 30 -2.45 0.58 -3.52
CA CYS A 30 -3.35 0.27 -4.62
C CYS A 30 -4.80 0.63 -4.26
N PRO A 31 -5.56 1.15 -5.25
CA PRO A 31 -6.97 1.53 -5.02
C PRO A 31 -7.81 0.36 -4.50
N MET A 32 -8.61 0.64 -3.48
CA MET A 32 -9.47 -0.39 -2.89
C MET A 32 -10.45 -0.93 -3.93
N PRO A 33 -10.79 -2.23 -3.85
CA PRO A 33 -11.72 -2.88 -4.78
C PRO A 33 -13.16 -2.45 -4.55
N GLN A 34 -13.75 -1.81 -5.56
CA GLN A 34 -15.14 -1.35 -5.47
C GLN A 34 -16.08 -2.36 -6.11
N ALA A 3 -4.76 7.71 7.55
CA ALA A 3 -3.39 7.52 6.99
C ALA A 3 -2.49 6.78 7.97
N ILE A 4 -2.63 5.45 8.01
CA ILE A 4 -1.83 4.63 8.91
C ILE A 4 -0.77 3.85 8.14
N GLN A 5 0.44 3.79 8.70
CA GLN A 5 1.54 3.08 8.07
C GLN A 5 1.41 1.57 8.30
N CYS A 6 1.41 0.81 7.21
CA CYS A 6 1.30 -0.64 7.28
C CYS A 6 2.52 -1.24 7.97
N PRO A 7 2.38 -2.45 8.57
CA PRO A 7 3.48 -3.13 9.25
C PRO A 7 4.73 -3.25 8.38
N ASP A 8 4.54 -3.65 7.13
CA ASP A 8 5.64 -3.80 6.20
C ASP A 8 5.77 -2.55 5.31
N SER A 9 6.38 -2.73 4.13
CA SER A 9 6.58 -1.63 3.20
C SER A 9 7.41 -0.51 3.83
N GLN A 10 7.55 0.59 3.10
CA GLN A 10 8.32 1.74 3.58
C GLN A 10 7.59 3.04 3.30
N PHE A 11 6.43 2.95 2.65
CA PHE A 11 5.64 4.14 2.33
C PHE A 11 4.40 4.22 3.21
N GLU A 12 3.65 5.31 3.05
CA GLU A 12 2.42 5.51 3.82
C GLU A 12 1.24 5.78 2.90
N CYS A 13 0.35 4.81 2.81
CA CYS A 13 -0.83 4.93 1.95
C CYS A 13 -1.97 5.68 2.66
N PRO A 14 -2.83 6.37 1.89
CA PRO A 14 -3.95 7.12 2.45
C PRO A 14 -5.17 6.24 2.70
N ASP A 15 -6.27 6.86 3.11
CA ASP A 15 -7.51 6.14 3.38
C ASP A 15 -8.20 5.71 2.09
N PHE A 16 -7.52 5.90 0.96
CA PHE A 16 -8.08 5.54 -0.33
C PHE A 16 -7.47 4.25 -0.86
N SER A 17 -6.15 4.12 -0.72
CA SER A 17 -5.45 2.92 -1.18
C SER A 17 -4.72 2.24 -0.03
N THR A 18 -4.49 0.94 -0.19
CA THR A 18 -3.80 0.16 0.82
C THR A 18 -2.36 -0.15 0.40
N CYS A 19 -1.55 -0.56 1.36
CA CYS A 19 -0.15 -0.87 1.10
C CYS A 19 -0.01 -2.30 0.59
N CYS A 20 0.08 -2.45 -0.73
CA CYS A 20 0.21 -3.77 -1.34
C CYS A 20 1.53 -3.91 -2.09
N VAL A 21 1.82 -5.12 -2.56
CA VAL A 21 3.05 -5.39 -3.29
C VAL A 21 2.80 -5.41 -4.79
N MET A 22 3.84 -5.08 -5.56
CA MET A 22 3.74 -5.06 -7.02
C MET A 22 4.33 -6.33 -7.62
N VAL A 23 4.20 -6.46 -8.94
CA VAL A 23 4.72 -7.63 -9.64
C VAL A 23 6.24 -7.57 -9.72
N ASP A 24 6.79 -6.36 -9.69
CA ASP A 24 8.24 -6.16 -9.76
C ASP A 24 8.91 -6.63 -8.48
N GLY A 25 8.20 -6.51 -7.36
CA GLY A 25 8.74 -6.93 -6.08
C GLY A 25 8.70 -5.83 -5.05
N SER A 26 8.75 -4.59 -5.50
CA SER A 26 8.71 -3.44 -4.61
C SER A 26 7.32 -3.25 -4.02
N TRP A 27 7.19 -2.31 -3.09
CA TRP A 27 5.91 -2.03 -2.45
C TRP A 27 5.24 -0.81 -3.07
N GLY A 28 3.94 -0.65 -2.83
CA GLY A 28 3.21 0.48 -3.37
C GLY A 28 1.77 0.51 -2.93
N CYS A 29 1.11 1.64 -3.13
CA CYS A 29 -0.29 1.80 -2.74
C CYS A 29 -1.22 1.47 -3.90
N CYS A 30 -2.20 0.62 -3.64
CA CYS A 30 -3.17 0.23 -4.66
C CYS A 30 -4.60 0.44 -4.17
N PRO A 31 -5.48 0.98 -5.02
CA PRO A 31 -6.88 1.23 -4.66
C PRO A 31 -7.62 -0.04 -4.26
N MET A 32 -8.46 0.06 -3.24
CA MET A 32 -9.22 -1.08 -2.75
C MET A 32 -10.63 -1.09 -3.37
N PRO A 33 -11.17 -2.30 -3.65
CA PRO A 33 -12.52 -2.44 -4.24
C PRO A 33 -13.57 -1.69 -3.44
N GLN A 34 -13.96 -0.52 -3.93
CA GLN A 34 -14.96 0.30 -3.26
C GLN A 34 -14.57 0.60 -1.82
N ALA A 3 -4.84 6.57 6.86
CA ALA A 3 -3.75 6.28 7.83
C ALA A 3 -2.38 6.64 7.26
N ILE A 4 -1.34 6.38 8.04
CA ILE A 4 0.02 6.68 7.61
C ILE A 4 0.99 5.57 8.01
N GLN A 5 0.77 4.38 7.46
CA GLN A 5 1.61 3.23 7.75
C GLN A 5 1.36 2.09 6.77
N CYS A 6 2.02 0.97 7.00
CA CYS A 6 1.87 -0.20 6.13
C CYS A 6 2.42 -1.45 6.81
N PRO A 7 1.90 -2.64 6.43
CA PRO A 7 2.35 -3.92 7.01
C PRO A 7 3.87 -4.02 7.13
N ASP A 8 4.54 -4.14 5.98
CA ASP A 8 5.99 -4.25 5.97
C ASP A 8 6.60 -3.36 4.88
N SER A 9 6.00 -2.18 4.70
CA SER A 9 6.48 -1.23 3.69
C SER A 9 7.05 0.01 4.35
N GLN A 10 7.73 0.84 3.56
CA GLN A 10 8.33 2.07 4.07
C GLN A 10 7.45 3.28 3.77
N PHE A 11 6.51 3.11 2.85
CA PHE A 11 5.60 4.19 2.47
C PHE A 11 4.40 4.25 3.42
N GLU A 12 3.48 5.16 3.13
CA GLU A 12 2.29 5.31 3.95
C GLU A 12 1.12 5.87 3.13
N CYS A 13 0.05 5.08 3.02
CA CYS A 13 -1.12 5.48 2.26
C CYS A 13 -2.32 5.70 3.20
N PRO A 14 -3.29 6.53 2.79
CA PRO A 14 -4.47 6.83 3.59
C PRO A 14 -5.56 5.77 3.44
N ASP A 15 -6.68 5.99 4.14
CA ASP A 15 -7.80 5.06 4.11
C ASP A 15 -8.38 4.95 2.69
N PHE A 16 -8.05 5.93 1.85
CA PHE A 16 -8.54 5.95 0.47
C PHE A 16 -8.06 4.72 -0.29
N SER A 17 -6.84 4.29 -0.01
CA SER A 17 -6.26 3.13 -0.67
C SER A 17 -5.63 2.18 0.34
N THR A 18 -4.98 1.13 -0.18
CA THR A 18 -4.33 0.15 0.69
C THR A 18 -2.90 -0.14 0.22
N CYS A 19 -2.17 -0.92 1.01
CA CYS A 19 -0.79 -1.27 0.69
C CYS A 19 -0.74 -2.46 -0.25
N CYS A 20 -0.37 -2.21 -1.51
CA CYS A 20 -0.27 -3.26 -2.51
C CYS A 20 1.17 -3.67 -2.74
N VAL A 21 1.37 -4.89 -3.24
CA VAL A 21 2.72 -5.40 -3.50
C VAL A 21 2.85 -5.85 -4.95
N MET A 22 3.76 -5.21 -5.68
CA MET A 22 3.99 -5.55 -7.09
C MET A 22 4.93 -6.74 -7.22
N VAL A 23 4.79 -7.47 -8.31
CA VAL A 23 5.63 -8.64 -8.56
C VAL A 23 7.06 -8.23 -8.89
N ASP A 24 7.29 -6.92 -9.04
CA ASP A 24 8.61 -6.40 -9.35
C ASP A 24 9.56 -6.63 -8.18
N GLY A 25 9.00 -6.90 -7.01
CA GLY A 25 9.81 -7.13 -5.83
C GLY A 25 9.81 -5.95 -4.87
N SER A 26 9.03 -4.93 -5.21
CA SER A 26 8.94 -3.74 -4.37
C SER A 26 7.52 -3.57 -3.82
N TRP A 27 7.33 -2.53 -2.99
CA TRP A 27 6.04 -2.26 -2.39
C TRP A 27 5.40 -1.02 -3.02
N GLY A 28 4.09 -0.88 -2.84
CA GLY A 28 3.38 0.26 -3.39
C GLY A 28 1.99 0.41 -2.82
N CYS A 29 1.24 1.36 -3.35
CA CYS A 29 -0.13 1.62 -2.89
C CYS A 29 -1.12 1.50 -4.03
N CYS A 30 -2.31 0.97 -3.73
CA CYS A 30 -3.34 0.81 -4.75
C CYS A 30 -4.73 0.94 -4.13
N PRO A 31 -5.60 1.79 -4.71
CA PRO A 31 -6.96 2.01 -4.21
C PRO A 31 -7.79 0.73 -4.23
N MET A 32 -8.67 0.59 -3.24
CA MET A 32 -9.53 -0.58 -3.14
C MET A 32 -10.61 -0.56 -4.20
N PRO A 33 -10.77 -1.66 -4.97
CA PRO A 33 -11.79 -1.75 -6.02
C PRO A 33 -13.19 -1.92 -5.46
N GLN A 34 -14.19 -1.78 -6.32
CA GLN A 34 -15.58 -1.91 -5.92
C GLN A 34 -16.49 -2.07 -7.14
N ALA A 3 -3.75 8.57 5.98
CA ALA A 3 -2.35 8.33 6.42
C ALA A 3 -2.27 7.10 7.32
N ILE A 4 -2.52 5.93 6.73
CA ILE A 4 -2.47 4.67 7.48
C ILE A 4 -1.06 4.10 7.49
N GLN A 5 -0.64 3.58 8.64
CA GLN A 5 0.69 3.01 8.77
C GLN A 5 0.65 1.48 8.65
N CYS A 6 1.25 0.97 7.57
CA CYS A 6 1.28 -0.46 7.32
C CYS A 6 2.29 -1.15 8.24
N PRO A 7 2.03 -2.42 8.61
CA PRO A 7 2.93 -3.18 9.49
C PRO A 7 4.32 -3.36 8.87
N ASP A 8 4.39 -3.30 7.54
CA ASP A 8 5.64 -3.46 6.83
C ASP A 8 5.94 -2.22 5.99
N SER A 9 6.78 -2.38 4.97
CA SER A 9 7.15 -1.28 4.09
C SER A 9 7.83 -0.16 4.86
N GLN A 10 8.29 0.86 4.14
CA GLN A 10 8.97 2.00 4.76
C GLN A 10 8.05 3.23 4.80
N PHE A 11 7.47 3.57 3.67
CA PHE A 11 6.58 4.73 3.58
C PHE A 11 5.16 4.35 3.98
N GLU A 12 4.26 5.32 3.93
CA GLU A 12 2.86 5.10 4.28
C GLU A 12 1.98 5.01 3.04
N CYS A 13 0.69 4.79 3.25
CA CYS A 13 -0.25 4.67 2.14
C CYS A 13 -1.22 5.86 2.12
N PRO A 14 -1.30 6.57 0.98
CA PRO A 14 -2.18 7.73 0.83
C PRO A 14 -3.60 7.33 0.45
N ASP A 15 -4.55 8.22 0.70
CA ASP A 15 -5.96 7.98 0.39
C ASP A 15 -6.46 6.70 1.05
N PHE A 16 -7.59 6.19 0.56
CA PHE A 16 -8.18 4.97 1.10
C PHE A 16 -7.76 3.75 0.29
N SER A 17 -6.51 3.32 0.47
CA SER A 17 -5.99 2.17 -0.24
C SER A 17 -5.05 1.36 0.65
N THR A 18 -5.03 0.05 0.43
CA THR A 18 -4.17 -0.83 1.21
C THR A 18 -2.80 -1.00 0.55
N CYS A 19 -1.85 -1.55 1.29
CA CYS A 19 -0.51 -1.76 0.76
C CYS A 19 -0.43 -3.06 -0.03
N CYS A 20 -0.29 -2.93 -1.35
CA CYS A 20 -0.20 -4.10 -2.22
C CYS A 20 1.23 -4.32 -2.69
N VAL A 21 1.53 -5.56 -3.06
CA VAL A 21 2.86 -5.92 -3.53
C VAL A 21 2.93 -5.87 -5.06
N MET A 22 3.69 -4.91 -5.58
CA MET A 22 3.84 -4.76 -7.02
C MET A 22 4.62 -5.92 -7.62
N VAL A 23 4.15 -6.40 -8.76
CA VAL A 23 4.81 -7.52 -9.45
C VAL A 23 6.20 -7.13 -9.92
N ASP A 24 6.45 -5.83 -10.01
CA ASP A 24 7.74 -5.32 -10.46
C ASP A 24 8.79 -5.45 -9.35
N GLY A 25 8.38 -6.03 -8.23
CA GLY A 25 9.28 -6.21 -7.10
C GLY A 25 9.44 -4.94 -6.28
N SER A 26 8.30 -4.37 -5.88
CA SER A 26 8.32 -3.14 -5.08
C SER A 26 7.06 -3.06 -4.21
N TRP A 27 6.98 -1.99 -3.42
CA TRP A 27 5.83 -1.78 -2.54
C TRP A 27 4.93 -0.67 -3.07
N GLY A 28 3.64 -0.95 -3.19
CA GLY A 28 2.71 0.03 -3.69
C GLY A 28 1.41 0.04 -2.90
N CYS A 29 0.47 0.89 -3.32
CA CYS A 29 -0.82 1.00 -2.66
C CYS A 29 -1.96 0.87 -3.66
N CYS A 30 -2.87 -0.06 -3.41
CA CYS A 30 -4.00 -0.27 -4.30
C CYS A 30 -5.33 -0.06 -3.55
N PRO A 31 -6.29 0.64 -4.18
CA PRO A 31 -7.59 0.91 -3.55
C PRO A 31 -8.33 -0.37 -3.19
N MET A 32 -8.76 -0.46 -1.94
CA MET A 32 -9.49 -1.63 -1.45
C MET A 32 -10.90 -1.68 -2.06
N PRO A 33 -11.50 -2.89 -2.15
CA PRO A 33 -12.84 -3.06 -2.70
C PRO A 33 -13.91 -2.42 -1.83
N GLN A 34 -13.51 -1.97 -0.65
CA GLN A 34 -14.44 -1.34 0.29
C GLN A 34 -13.90 0.03 0.73
N ALA A 3 -4.30 7.57 7.62
CA ALA A 3 -2.98 6.97 7.31
C ALA A 3 -2.99 5.47 7.60
N ILE A 4 -2.71 4.67 6.56
CA ILE A 4 -2.69 3.22 6.69
C ILE A 4 -1.32 2.66 6.38
N GLN A 5 -0.59 2.26 7.42
CA GLN A 5 0.75 1.72 7.26
C GLN A 5 0.71 0.30 6.71
N CYS A 6 1.87 -0.35 6.65
CA CYS A 6 1.97 -1.71 6.14
C CYS A 6 3.31 -2.34 6.52
N PRO A 7 3.34 -3.68 6.66
CA PRO A 7 4.56 -4.41 7.02
C PRO A 7 5.59 -4.41 5.88
N ASP A 8 6.86 -4.50 6.24
CA ASP A 8 7.94 -4.54 5.26
C ASP A 8 7.85 -3.33 4.32
N SER A 9 7.69 -2.14 4.90
CA SER A 9 7.59 -0.92 4.11
C SER A 9 8.09 0.28 4.91
N GLN A 10 8.52 1.32 4.21
CA GLN A 10 9.01 2.53 4.86
C GLN A 10 8.10 3.72 4.60
N PHE A 11 6.90 3.43 4.08
CA PHE A 11 5.92 4.48 3.80
C PHE A 11 4.50 3.94 3.91
N GLU A 12 3.55 4.84 4.10
CA GLU A 12 2.15 4.46 4.22
C GLU A 12 1.33 5.00 3.05
N CYS A 13 0.07 4.61 2.98
CA CYS A 13 -0.82 5.06 1.91
C CYS A 13 -1.95 5.92 2.47
N PRO A 14 -2.11 7.15 1.95
CA PRO A 14 -3.15 8.07 2.39
C PRO A 14 -4.48 7.81 1.70
N ASP A 15 -5.47 8.68 1.96
CA ASP A 15 -6.79 8.54 1.36
C ASP A 15 -7.39 7.17 1.66
N PHE A 16 -8.20 6.66 0.74
CA PHE A 16 -8.84 5.36 0.91
C PHE A 16 -8.17 4.30 0.04
N SER A 17 -6.87 4.12 0.24
CA SER A 17 -6.11 3.14 -0.53
C SER A 17 -5.28 2.24 0.40
N THR A 18 -5.28 0.94 0.11
CA THR A 18 -4.53 -0.01 0.90
C THR A 18 -3.10 -0.15 0.40
N CYS A 19 -2.25 -0.74 1.22
CA CYS A 19 -0.85 -0.95 0.87
C CYS A 19 -0.67 -2.23 0.05
N CYS A 20 -0.68 -2.09 -1.26
CA CYS A 20 -0.53 -3.23 -2.16
C CYS A 20 0.95 -3.53 -2.41
N VAL A 21 1.29 -4.82 -2.44
CA VAL A 21 2.66 -5.23 -2.69
C VAL A 21 2.79 -5.95 -4.02
N MET A 22 3.80 -5.56 -4.80
CA MET A 22 4.04 -6.18 -6.11
C MET A 22 5.16 -7.22 -6.02
N VAL A 23 5.01 -8.30 -6.77
CA VAL A 23 6.01 -9.37 -6.78
C VAL A 23 7.28 -8.91 -7.48
N ASP A 24 7.19 -7.79 -8.20
CA ASP A 24 8.34 -7.24 -8.91
C ASP A 24 9.46 -6.90 -7.94
N GLY A 25 9.15 -6.05 -6.96
CA GLY A 25 10.16 -5.65 -5.98
C GLY A 25 9.90 -4.27 -5.42
N SER A 26 8.64 -3.83 -5.45
CA SER A 26 8.27 -2.52 -4.95
C SER A 26 6.82 -2.52 -4.46
N TRP A 27 6.49 -1.53 -3.63
CA TRP A 27 5.14 -1.41 -3.09
C TRP A 27 4.30 -0.42 -3.91
N GLY A 28 3.03 -0.32 -3.58
CA GLY A 28 2.14 0.58 -4.28
C GLY A 28 0.79 0.74 -3.60
N CYS A 29 0.24 1.94 -3.67
CA CYS A 29 -1.06 2.21 -3.05
C CYS A 29 -2.21 1.91 -4.01
N CYS A 30 -3.15 1.09 -3.56
CA CYS A 30 -4.30 0.73 -4.38
C CYS A 30 -5.61 0.96 -3.63
N PRO A 31 -6.45 1.89 -4.12
CA PRO A 31 -7.74 2.20 -3.47
C PRO A 31 -8.58 0.96 -3.21
N MET A 32 -9.11 0.86 -2.00
CA MET A 32 -9.93 -0.28 -1.62
C MET A 32 -11.19 -0.36 -2.47
N PRO A 33 -11.73 -1.58 -2.68
CA PRO A 33 -12.93 -1.77 -3.49
C PRO A 33 -14.18 -1.21 -2.82
N GLN A 34 -14.21 -1.28 -1.50
CA GLN A 34 -15.35 -0.76 -0.72
C GLN A 34 -14.99 0.56 -0.05
N ALA A 3 -2.06 9.05 8.09
CA ALA A 3 -1.00 8.36 7.32
C ALA A 3 -0.38 7.22 8.15
N ILE A 4 -1.04 6.07 8.14
CA ILE A 4 -0.56 4.92 8.89
C ILE A 4 0.25 3.98 7.99
N GLN A 5 1.57 4.09 8.08
CA GLN A 5 2.47 3.25 7.29
C GLN A 5 2.24 1.78 7.59
N CYS A 6 2.18 0.97 6.55
CA CYS A 6 1.97 -0.48 6.71
C CYS A 6 3.14 -1.12 7.47
N PRO A 7 2.84 -2.08 8.36
CA PRO A 7 3.86 -2.77 9.16
C PRO A 7 4.61 -3.83 8.36
N ASP A 8 4.73 -3.61 7.05
CA ASP A 8 5.42 -4.56 6.18
C ASP A 8 6.36 -3.83 5.23
N SER A 9 6.28 -2.51 5.23
CA SER A 9 7.12 -1.69 4.36
C SER A 9 7.11 -0.23 4.81
N GLN A 10 8.11 0.53 4.35
CA GLN A 10 8.22 1.95 4.70
C GLN A 10 7.58 2.82 3.62
N PHE A 11 6.29 2.63 3.40
CA PHE A 11 5.57 3.41 2.39
C PHE A 11 4.42 4.19 3.02
N GLU A 12 3.63 4.85 2.18
CA GLU A 12 2.49 5.64 2.66
C GLU A 12 1.21 5.21 1.97
N CYS A 13 0.10 5.26 2.70
CA CYS A 13 -1.21 4.89 2.16
C CYS A 13 -2.31 5.73 2.80
N PRO A 14 -3.11 6.44 1.99
CA PRO A 14 -4.20 7.28 2.49
C PRO A 14 -5.47 6.48 2.75
N ASP A 15 -6.48 7.14 3.30
CA ASP A 15 -7.76 6.50 3.61
C ASP A 15 -8.59 6.29 2.35
N PHE A 16 -7.92 5.95 1.25
CA PHE A 16 -8.62 5.73 -0.02
C PHE A 16 -8.00 4.54 -0.78
N SER A 17 -6.96 3.96 -0.19
CA SER A 17 -6.28 2.83 -0.81
C SER A 17 -5.57 1.97 0.24
N THR A 18 -5.10 0.80 -0.18
CA THR A 18 -4.39 -0.11 0.71
C THR A 18 -2.97 -0.38 0.21
N CYS A 19 -2.20 -1.11 1.01
CA CYS A 19 -0.82 -1.44 0.65
C CYS A 19 -0.77 -2.66 -0.27
N CYS A 20 -0.55 -2.42 -1.55
CA CYS A 20 -0.47 -3.50 -2.53
C CYS A 20 0.97 -3.78 -2.92
N VAL A 21 1.19 -4.91 -3.58
CA VAL A 21 2.53 -5.30 -4.01
C VAL A 21 2.57 -5.54 -5.52
N MET A 22 3.73 -5.35 -6.12
CA MET A 22 3.90 -5.55 -7.56
C MET A 22 4.86 -6.70 -7.84
N VAL A 23 4.95 -7.08 -9.11
CA VAL A 23 5.83 -8.17 -9.53
C VAL A 23 7.29 -7.78 -9.35
N ASP A 24 7.56 -6.48 -9.34
CA ASP A 24 8.92 -5.98 -9.18
C ASP A 24 9.46 -6.30 -7.79
N GLY A 25 8.56 -6.72 -6.90
CA GLY A 25 8.97 -7.06 -5.54
C GLY A 25 8.89 -5.88 -4.60
N SER A 26 8.60 -4.70 -5.15
CA SER A 26 8.49 -3.48 -4.35
C SER A 26 7.06 -3.30 -3.84
N TRP A 27 6.87 -2.28 -3.00
CA TRP A 27 5.56 -2.00 -2.44
C TRP A 27 4.95 -0.75 -3.07
N GLY A 28 3.63 -0.66 -3.03
CA GLY A 28 2.95 0.49 -3.60
C GLY A 28 1.52 0.62 -3.10
N CYS A 29 1.06 1.86 -2.92
CA CYS A 29 -0.29 2.11 -2.43
C CYS A 29 -1.29 2.13 -3.59
N CYS A 30 -2.26 1.23 -3.53
CA CYS A 30 -3.29 1.15 -4.56
C CYS A 30 -4.66 0.80 -3.96
N PRO A 31 -5.74 1.37 -4.52
CA PRO A 31 -7.10 1.12 -4.02
C PRO A 31 -7.42 -0.37 -3.86
N MET A 32 -8.37 -0.67 -2.99
CA MET A 32 -8.77 -2.06 -2.75
C MET A 32 -9.85 -2.50 -3.73
N PRO A 33 -9.60 -3.58 -4.49
CA PRO A 33 -10.55 -4.09 -5.47
C PRO A 33 -11.77 -4.75 -4.81
N GLN A 34 -11.74 -4.80 -3.48
CA GLN A 34 -12.84 -5.40 -2.72
C GLN A 34 -13.31 -4.46 -1.60
N ALA A 3 -5.56 7.92 8.03
CA ALA A 3 -4.14 7.55 7.74
C ALA A 3 -3.83 6.15 8.25
N ILE A 4 -4.06 5.15 7.41
CA ILE A 4 -3.80 3.76 7.76
C ILE A 4 -2.44 3.30 7.23
N GLN A 5 -1.58 2.86 8.13
CA GLN A 5 -0.25 2.40 7.76
C GLN A 5 -0.20 0.87 7.71
N CYS A 6 1.00 0.32 7.58
CA CYS A 6 1.18 -1.12 7.53
C CYS A 6 2.65 -1.50 7.74
N PRO A 7 2.91 -2.72 8.22
CA PRO A 7 4.28 -3.19 8.47
C PRO A 7 5.12 -3.20 7.20
N ASP A 8 6.41 -3.47 7.35
CA ASP A 8 7.33 -3.51 6.22
C ASP A 8 7.31 -2.19 5.46
N SER A 9 7.85 -2.20 4.23
CA SER A 9 7.90 -1.00 3.40
C SER A 9 8.59 0.14 4.14
N GLN A 10 8.42 1.37 3.63
CA GLN A 10 9.04 2.54 4.24
C GLN A 10 8.05 3.69 4.32
N PHE A 11 7.17 3.78 3.33
CA PHE A 11 6.17 4.84 3.29
C PHE A 11 4.82 4.36 3.80
N GLU A 12 3.86 5.28 3.89
CA GLU A 12 2.52 4.95 4.37
C GLU A 12 1.46 5.58 3.48
N CYS A 13 0.56 4.75 2.97
CA CYS A 13 -0.52 5.24 2.10
C CYS A 13 -1.71 5.72 2.93
N PRO A 14 -2.44 6.73 2.43
CA PRO A 14 -3.60 7.29 3.13
C PRO A 14 -4.88 6.49 2.88
N ASP A 15 -5.99 7.01 3.41
CA ASP A 15 -7.28 6.34 3.25
C ASP A 15 -7.66 6.18 1.78
N PHE A 16 -6.94 6.88 0.90
CA PHE A 16 -7.20 6.81 -0.53
C PHE A 16 -7.11 5.38 -1.04
N SER A 17 -6.05 4.68 -0.64
CA SER A 17 -5.83 3.30 -1.05
C SER A 17 -5.00 2.54 -0.02
N THR A 18 -4.98 1.21 -0.13
CA THR A 18 -4.23 0.38 0.79
C THR A 18 -2.86 0.00 0.20
N CYS A 19 -1.97 -0.49 1.05
CA CYS A 19 -0.64 -0.88 0.63
C CYS A 19 -0.64 -2.30 0.06
N CYS A 20 -0.13 -2.43 -1.16
CA CYS A 20 -0.07 -3.74 -1.82
C CYS A 20 1.33 -4.01 -2.36
N VAL A 21 1.62 -5.29 -2.59
CA VAL A 21 2.93 -5.68 -3.11
C VAL A 21 2.94 -5.69 -4.64
N MET A 22 3.98 -5.09 -5.22
CA MET A 22 4.10 -5.03 -6.67
C MET A 22 4.43 -6.40 -7.24
N VAL A 23 4.22 -6.56 -8.55
CA VAL A 23 4.50 -7.82 -9.23
C VAL A 23 5.99 -8.04 -9.39
N ASP A 24 6.73 -6.95 -9.59
CA ASP A 24 8.17 -7.01 -9.77
C ASP A 24 8.87 -7.34 -8.45
N GLY A 25 8.32 -6.83 -7.35
CA GLY A 25 8.89 -7.08 -6.05
C GLY A 25 8.99 -5.82 -5.21
N SER A 26 8.60 -4.69 -5.79
CA SER A 26 8.64 -3.41 -5.09
C SER A 26 7.40 -3.22 -4.24
N TRP A 27 7.26 -2.02 -3.67
CA TRP A 27 6.10 -1.70 -2.84
C TRP A 27 5.18 -0.71 -3.55
N GLY A 28 3.88 -0.94 -3.45
CA GLY A 28 2.92 -0.06 -4.09
C GLY A 28 1.68 0.18 -3.26
N CYS A 29 0.72 0.90 -3.82
CA CYS A 29 -0.53 1.18 -3.13
C CYS A 29 -1.70 1.12 -4.11
N CYS A 30 -2.69 0.28 -3.80
CA CYS A 30 -3.86 0.12 -4.66
C CYS A 30 -5.16 0.25 -3.86
N PRO A 31 -6.18 0.90 -4.45
CA PRO A 31 -7.49 1.07 -3.79
C PRO A 31 -8.06 -0.24 -3.28
N MET A 32 -8.47 -0.25 -2.02
CA MET A 32 -9.05 -1.44 -1.41
C MET A 32 -10.53 -1.57 -1.75
N PRO A 33 -11.04 -2.80 -1.91
CA PRO A 33 -12.44 -3.06 -2.23
C PRO A 33 -13.41 -2.34 -1.31
N GLN A 34 -13.00 -2.16 -0.06
CA GLN A 34 -13.83 -1.48 0.93
C GLN A 34 -13.96 0.00 0.60
N ALA A 3 -5.20 7.56 9.22
CA ALA A 3 -4.15 6.93 8.37
C ALA A 3 -3.38 5.86 9.14
N ILE A 4 -3.31 4.66 8.58
CA ILE A 4 -2.60 3.56 9.20
C ILE A 4 -1.41 3.11 8.37
N GLN A 5 -0.28 2.89 9.03
CA GLN A 5 0.94 2.48 8.35
C GLN A 5 1.01 0.95 8.25
N CYS A 6 0.87 0.45 7.02
CA CYS A 6 0.93 -0.99 6.77
C CYS A 6 2.29 -1.56 7.17
N PRO A 7 2.33 -2.82 7.63
CA PRO A 7 3.58 -3.47 8.04
C PRO A 7 4.65 -3.39 6.96
N ASP A 8 5.92 -3.36 7.40
CA ASP A 8 7.04 -3.28 6.48
C ASP A 8 6.96 -2.02 5.62
N SER A 9 7.71 -2.00 4.52
CA SER A 9 7.71 -0.86 3.61
C SER A 9 8.23 0.39 4.31
N GLN A 10 8.58 1.41 3.51
CA GLN A 10 9.10 2.66 4.06
C GLN A 10 8.14 3.81 3.78
N PHE A 11 6.85 3.50 3.67
CA PHE A 11 5.84 4.51 3.40
C PHE A 11 4.45 4.00 3.73
N GLU A 12 3.46 4.89 3.68
CA GLU A 12 2.08 4.53 3.95
C GLU A 12 1.15 5.02 2.84
N CYS A 13 -0.12 4.67 2.95
CA CYS A 13 -1.11 5.07 1.95
C CYS A 13 -2.16 5.99 2.56
N PRO A 14 -1.87 7.30 2.63
CA PRO A 14 -2.80 8.29 3.20
C PRO A 14 -3.79 8.80 2.16
N ASP A 15 -4.88 8.06 1.98
CA ASP A 15 -5.91 8.45 1.02
C ASP A 15 -7.14 7.56 1.14
N PHE A 16 -7.11 6.42 0.46
CA PHE A 16 -8.23 5.48 0.49
C PHE A 16 -7.82 4.13 -0.09
N SER A 17 -6.53 3.99 -0.41
CA SER A 17 -6.00 2.76 -0.98
C SER A 17 -5.28 1.92 0.08
N THR A 18 -5.10 0.64 -0.21
CA THR A 18 -4.43 -0.26 0.72
C THR A 18 -3.01 -0.58 0.25
N CYS A 19 -2.24 -1.24 1.12
CA CYS A 19 -0.87 -1.60 0.80
C CYS A 19 -0.82 -2.91 0.03
N CYS A 20 -0.30 -2.85 -1.19
CA CYS A 20 -0.19 -4.03 -2.04
C CYS A 20 1.25 -4.23 -2.52
N VAL A 21 1.61 -5.47 -2.80
CA VAL A 21 2.95 -5.79 -3.27
C VAL A 21 2.93 -6.19 -4.75
N MET A 22 3.36 -5.27 -5.60
CA MET A 22 3.39 -5.51 -7.04
C MET A 22 4.30 -6.69 -7.38
N VAL A 23 4.19 -7.19 -8.61
CA VAL A 23 5.00 -8.31 -9.07
C VAL A 23 6.44 -7.87 -9.35
N ASP A 24 6.63 -6.58 -9.58
CA ASP A 24 7.95 -6.04 -9.86
C ASP A 24 8.94 -6.40 -8.76
N GLY A 25 8.60 -6.02 -7.52
CA GLY A 25 9.47 -6.32 -6.40
C GLY A 25 9.54 -5.18 -5.40
N SER A 26 8.46 -4.41 -5.30
CA SER A 26 8.40 -3.28 -4.39
C SER A 26 6.98 -3.07 -3.87
N TRP A 27 6.85 -2.20 -2.88
CA TRP A 27 5.54 -1.90 -2.30
C TRP A 27 4.86 -0.76 -3.04
N GLY A 28 3.53 -0.80 -3.09
CA GLY A 28 2.77 0.24 -3.76
C GLY A 28 1.35 0.37 -3.23
N CYS A 29 0.81 1.58 -3.30
CA CYS A 29 -0.55 1.83 -2.82
C CYS A 29 -1.57 1.51 -3.90
N CYS A 30 -2.37 0.48 -3.67
CA CYS A 30 -3.39 0.07 -4.64
C CYS A 30 -4.77 0.10 -4.00
N PRO A 31 -5.78 0.62 -4.74
CA PRO A 31 -7.15 0.70 -4.23
C PRO A 31 -7.68 -0.64 -3.72
N MET A 32 -8.61 -0.59 -2.77
CA MET A 32 -9.19 -1.79 -2.20
C MET A 32 -10.71 -1.82 -2.44
N PRO A 33 -11.20 -2.79 -3.25
CA PRO A 33 -12.62 -2.91 -3.56
C PRO A 33 -13.48 -2.92 -2.30
N GLN A 34 -14.21 -1.83 -2.09
CA GLN A 34 -15.08 -1.71 -0.92
C GLN A 34 -16.48 -2.26 -1.22
N ALA A 3 -4.66 7.49 6.51
CA ALA A 3 -3.26 7.16 6.12
C ALA A 3 -2.68 6.06 7.02
N ILE A 4 -2.72 4.82 6.54
CA ILE A 4 -2.20 3.70 7.29
C ILE A 4 -0.76 3.38 6.88
N GLN A 5 -0.01 2.77 7.79
CA GLN A 5 1.38 2.42 7.52
C GLN A 5 1.59 0.91 7.61
N CYS A 6 2.11 0.32 6.53
CA CYS A 6 2.37 -1.11 6.49
C CYS A 6 3.48 -1.50 7.47
N PRO A 7 3.30 -2.61 8.21
CA PRO A 7 4.30 -3.07 9.19
C PRO A 7 5.62 -3.47 8.53
N ASP A 8 5.55 -3.80 7.25
CA ASP A 8 6.75 -4.21 6.50
C ASP A 8 7.59 -3.00 6.10
N SER A 9 7.24 -2.39 4.97
CA SER A 9 7.97 -1.23 4.48
C SER A 9 7.81 -0.03 5.41
N GLN A 10 8.54 1.04 5.12
CA GLN A 10 8.49 2.24 5.93
C GLN A 10 7.82 3.39 5.18
N PHE A 11 6.63 3.14 4.65
CA PHE A 11 5.89 4.16 3.90
C PHE A 11 4.40 4.08 4.21
N GLU A 12 3.70 5.19 3.96
CA GLU A 12 2.26 5.25 4.22
C GLU A 12 1.48 5.35 2.91
N CYS A 13 0.15 5.31 3.02
CA CYS A 13 -0.72 5.39 1.85
C CYS A 13 -1.96 6.22 2.16
N PRO A 14 -2.23 7.27 1.37
CA PRO A 14 -3.39 8.15 1.57
C PRO A 14 -4.65 7.59 0.93
N ASP A 15 -5.72 8.39 0.99
CA ASP A 15 -7.01 7.99 0.41
C ASP A 15 -7.51 6.68 1.02
N PHE A 16 -8.52 6.10 0.39
CA PHE A 16 -9.09 4.84 0.86
C PHE A 16 -8.44 3.66 0.16
N SER A 17 -7.13 3.52 0.34
CA SER A 17 -6.38 2.43 -0.28
C SER A 17 -5.51 1.71 0.74
N THR A 18 -4.76 0.73 0.28
CA THR A 18 -3.88 -0.05 1.14
C THR A 18 -2.53 -0.29 0.47
N CYS A 19 -1.57 -0.82 1.23
CA CYS A 19 -0.25 -1.09 0.69
C CYS A 19 -0.22 -2.45 -0.01
N CYS A 20 -0.24 -2.42 -1.34
CA CYS A 20 -0.22 -3.65 -2.12
C CYS A 20 1.19 -3.95 -2.62
N VAL A 21 1.40 -5.20 -3.04
CA VAL A 21 2.70 -5.63 -3.53
C VAL A 21 2.68 -5.81 -5.05
N MET A 22 3.53 -5.05 -5.74
CA MET A 22 3.61 -5.12 -7.19
C MET A 22 4.21 -6.45 -7.64
N VAL A 23 4.17 -6.69 -8.96
CA VAL A 23 4.71 -7.93 -9.53
C VAL A 23 6.23 -7.91 -9.51
N ASP A 24 6.81 -6.74 -9.70
CA ASP A 24 8.27 -6.60 -9.70
C ASP A 24 8.85 -6.84 -8.32
N GLY A 25 8.02 -6.62 -7.29
CA GLY A 25 8.47 -6.81 -5.92
C GLY A 25 8.51 -5.52 -5.14
N SER A 26 8.25 -4.40 -5.82
CA SER A 26 8.26 -3.10 -5.17
C SER A 26 6.96 -2.86 -4.42
N TRP A 27 6.96 -1.87 -3.53
CA TRP A 27 5.78 -1.55 -2.74
C TRP A 27 4.93 -0.48 -3.43
N GLY A 28 3.63 -0.74 -3.50
CA GLY A 28 2.72 0.20 -4.14
C GLY A 28 1.34 0.20 -3.50
N CYS A 29 0.89 1.37 -3.07
CA CYS A 29 -0.42 1.49 -2.43
C CYS A 29 -1.51 1.72 -3.47
N CYS A 30 -2.58 0.92 -3.41
CA CYS A 30 -3.68 1.04 -4.35
C CYS A 30 -5.01 0.69 -3.66
N PRO A 31 -6.12 1.26 -4.16
CA PRO A 31 -7.46 1.01 -3.59
C PRO A 31 -7.84 -0.46 -3.63
N MET A 32 -8.70 -0.87 -2.70
CA MET A 32 -9.15 -2.25 -2.63
C MET A 32 -10.57 -2.41 -3.17
N PRO A 33 -10.79 -3.37 -4.08
CA PRO A 33 -12.11 -3.61 -4.68
C PRO A 33 -13.08 -4.27 -3.70
N GLN A 34 -14.12 -4.90 -4.24
CA GLN A 34 -15.12 -5.57 -3.41
C GLN A 34 -15.43 -6.97 -3.95
N ALA A 3 -4.86 7.14 8.11
CA ALA A 3 -3.64 6.56 7.47
C ALA A 3 -3.34 5.17 8.03
N ILE A 4 -3.00 4.25 7.14
CA ILE A 4 -2.68 2.88 7.54
C ILE A 4 -1.23 2.54 7.25
N GLN A 5 -0.41 2.59 8.29
CA GLN A 5 1.02 2.29 8.15
C GLN A 5 1.24 0.79 7.98
N CYS A 6 1.25 0.34 6.72
CA CYS A 6 1.45 -1.07 6.41
C CYS A 6 2.88 -1.49 6.72
N PRO A 7 3.05 -2.64 7.41
CA PRO A 7 4.38 -3.16 7.77
C PRO A 7 5.23 -3.48 6.54
N ASP A 8 6.54 -3.62 6.75
CA ASP A 8 7.47 -3.93 5.67
C ASP A 8 7.46 -2.83 4.60
N SER A 9 6.83 -1.71 4.92
CA SER A 9 6.76 -0.58 3.99
C SER A 9 7.41 0.66 4.59
N GLN A 10 7.98 1.50 3.73
CA GLN A 10 8.63 2.72 4.18
C GLN A 10 7.72 3.94 4.01
N PHE A 11 6.99 3.98 2.91
CA PHE A 11 6.08 5.08 2.64
C PHE A 11 4.71 4.84 3.26
N GLU A 12 4.06 5.92 3.69
CA GLU A 12 2.74 5.83 4.31
C GLU A 12 1.65 6.13 3.29
N CYS A 13 0.59 5.33 3.31
CA CYS A 13 -0.53 5.49 2.38
C CYS A 13 -1.77 5.97 3.12
N PRO A 14 -2.60 6.82 2.49
CA PRO A 14 -3.82 7.35 3.08
C PRO A 14 -5.00 6.39 2.95
N ASP A 15 -6.16 6.84 3.38
CA ASP A 15 -7.38 6.03 3.30
C ASP A 15 -7.91 5.98 1.87
N PHE A 16 -7.25 6.71 0.98
CA PHE A 16 -7.65 6.75 -0.43
C PHE A 16 -7.24 5.46 -1.15
N SER A 17 -6.29 4.74 -0.57
CA SER A 17 -5.81 3.50 -1.17
C SER A 17 -5.19 2.59 -0.12
N THR A 18 -5.23 1.28 -0.38
CA THR A 18 -4.67 0.29 0.53
C THR A 18 -3.26 -0.11 0.11
N CYS A 19 -2.55 -0.81 0.99
CA CYS A 19 -1.20 -1.26 0.71
C CYS A 19 -1.21 -2.57 -0.07
N CYS A 20 -0.73 -2.51 -1.30
CA CYS A 20 -0.67 -3.69 -2.17
C CYS A 20 0.77 -4.07 -2.48
N VAL A 21 0.98 -5.33 -2.86
CA VAL A 21 2.32 -5.80 -3.19
C VAL A 21 2.49 -5.92 -4.71
N MET A 22 3.66 -5.51 -5.20
CA MET A 22 3.95 -5.58 -6.62
C MET A 22 4.80 -6.80 -6.95
N VAL A 23 4.51 -7.42 -8.09
CA VAL A 23 5.24 -8.61 -8.53
C VAL A 23 6.67 -8.25 -8.93
N ASP A 24 6.88 -7.00 -9.32
CA ASP A 24 8.20 -6.54 -9.73
C ASP A 24 9.24 -6.82 -8.65
N GLY A 25 8.94 -6.41 -7.42
CA GLY A 25 9.86 -6.62 -6.31
C GLY A 25 9.92 -5.45 -5.36
N SER A 26 8.74 -4.91 -5.02
CA SER A 26 8.67 -3.77 -4.11
C SER A 26 7.26 -3.61 -3.57
N TRP A 27 7.08 -2.65 -2.66
CA TRP A 27 5.77 -2.39 -2.07
C TRP A 27 5.03 -1.30 -2.84
N GLY A 28 3.71 -1.34 -2.78
CA GLY A 28 2.90 -0.36 -3.47
C GLY A 28 1.59 -0.08 -2.75
N CYS A 29 0.76 0.79 -3.34
CA CYS A 29 -0.51 1.15 -2.75
C CYS A 29 -1.53 1.50 -3.83
N CYS A 30 -2.72 0.89 -3.75
CA CYS A 30 -3.78 1.14 -4.73
C CYS A 30 -5.15 1.09 -4.06
N PRO A 31 -6.14 1.82 -4.62
CA PRO A 31 -7.50 1.86 -4.09
C PRO A 31 -8.05 0.47 -3.75
N MET A 32 -8.57 0.34 -2.54
CA MET A 32 -9.13 -0.93 -2.08
C MET A 32 -10.60 -1.05 -2.46
N PRO A 33 -11.01 -2.22 -2.99
CA PRO A 33 -12.40 -2.48 -3.39
C PRO A 33 -13.30 -2.76 -2.21
N GLN A 34 -12.71 -3.26 -1.13
CA GLN A 34 -13.46 -3.58 0.09
C GLN A 34 -14.58 -4.57 -0.21
#